data_3UGI
#
_entry.id   3UGI
#
_cell.length_a   43.530
_cell.length_b   32.461
_cell.length_c   49.591
_cell.angle_alpha   90.00
_cell.angle_beta   94.55
_cell.angle_gamma   90.00
#
_symmetry.space_group_name_H-M   'P 1 21 1'
#
loop_
_entity.id
_entity.type
_entity.pdbx_description
1 polymer 'Protein kinase C delta type'
2 non-polymer 'ZINC ION'
3 non-polymer (methoxymethyl)cyclopropane
4 non-polymer 'PHOSPHATE ION'
5 water water
#
_entity_poly.entity_id   1
_entity_poly.type   'polypeptide(L)'
_entity_poly.pdbx_seq_one_letter_code
;GSRRASVGSHRFKVYNYMSPTFCDHCGSLLWGLVKQGLKCEDCGMNVHHKCREKVANLCEFIVTD
;
_entity_poly.pdbx_strand_id   A,B
#
loop_
_chem_comp.id
_chem_comp.type
_chem_comp.name
_chem_comp.formula
09U non-polymer (methoxymethyl)cyclopropane 'C5 H10 O'
PO4 non-polymer 'PHOSPHATE ION' 'O4 P -3'
ZN non-polymer 'ZINC ION' 'Zn 2'
#
# COMPACT_ATOMS: atom_id res chain seq x y z
N GLY A 1 15.82 -5.05 3.69
CA GLY A 1 14.93 -3.95 3.38
C GLY A 1 13.95 -4.34 2.29
N SER A 2 12.96 -3.49 2.07
CA SER A 2 12.01 -3.76 1.01
C SER A 2 11.34 -2.49 0.52
N ARG A 3 10.80 -2.57 -0.69
CA ARG A 3 9.95 -1.52 -1.22
C ARG A 3 8.66 -1.54 -0.43
N ARG A 4 7.93 -0.44 -0.51
CA ARG A 4 6.58 -0.41 0.02
C ARG A 4 5.64 -0.48 -1.15
N ALA A 5 4.63 -1.33 -1.04
CA ALA A 5 3.69 -1.52 -2.13
C ALA A 5 2.30 -1.31 -1.59
N SER A 6 1.43 -0.81 -2.45
CA SER A 6 0.01 -0.76 -2.19
C SER A 6 -0.61 -2.01 -2.83
N VAL A 7 -1.29 -2.82 -2.03
CA VAL A 7 -1.72 -4.14 -2.46
C VAL A 7 -3.22 -4.31 -2.24
N GLY A 8 -3.90 -4.79 -3.26
CA GLY A 8 -5.32 -5.07 -3.14
C GLY A 8 -5.79 -5.81 -4.36
N SER A 9 -7.02 -5.53 -4.76
CA SER A 9 -7.55 -6.04 -6.03
CA SER A 9 -7.56 -6.04 -6.02
C SER A 9 -7.85 -4.87 -6.96
N HIS A 10 -7.89 -5.13 -8.25
CA HIS A 10 -8.12 -4.03 -9.18
C HIS A 10 -9.45 -3.33 -8.90
N ARG A 11 -9.52 -2.07 -9.29
CA ARG A 11 -10.73 -1.27 -9.18
C ARG A 11 -10.96 -0.62 -10.54
N PHE A 12 -11.56 -1.36 -11.45
CA PHE A 12 -11.71 -0.89 -12.83
C PHE A 12 -12.86 0.08 -12.99
N LYS A 13 -12.66 1.12 -13.81
CA LYS A 13 -13.71 2.06 -14.16
C LYS A 13 -13.60 2.42 -15.63
N VAL A 14 -14.74 2.54 -16.30
CA VAL A 14 -14.74 2.84 -17.73
C VAL A 14 -13.99 4.14 -17.97
N TYR A 15 -13.18 4.16 -19.01
CA TYR A 15 -12.27 5.27 -19.24
C TYR A 15 -12.33 5.73 -20.69
N ASN A 16 -12.21 7.04 -20.89
CA ASN A 16 -12.13 7.64 -22.23
C ASN A 16 -10.68 7.86 -22.65
N TYR A 17 -10.17 6.96 -23.49
CA TYR A 17 -8.80 7.07 -23.95
C TYR A 17 -8.68 8.11 -25.06
N MET A 18 -7.76 9.05 -24.89
CA MET A 18 -7.61 10.17 -25.83
C MET A 18 -6.62 9.86 -26.95
N SER A 19 -5.91 8.76 -26.80
CA SER A 19 -4.97 8.28 -27.81
CA SER A 19 -5.00 8.28 -27.84
C SER A 19 -5.19 6.79 -28.00
N PRO A 20 -4.82 6.25 -29.16
CA PRO A 20 -4.97 4.80 -29.34
C PRO A 20 -4.24 4.03 -28.23
N THR A 21 -4.95 3.11 -27.60
CA THR A 21 -4.47 2.43 -26.41
C THR A 21 -4.79 0.96 -26.56
N PHE A 22 -3.90 0.12 -26.07
CA PHE A 22 -4.06 -1.33 -26.15
C PHE A 22 -4.43 -1.96 -24.83
N CYS A 23 -5.06 -3.11 -24.94
CA CYS A 23 -5.44 -3.87 -23.75
C CYS A 23 -4.17 -4.44 -23.12
N ASP A 24 -3.96 -4.16 -21.82
CA ASP A 24 -2.79 -4.66 -21.11
C ASP A 24 -2.85 -6.16 -20.86
N HIS A 25 -4.04 -6.74 -21.03
CA HIS A 25 -4.19 -8.18 -20.93
C HIS A 25 -3.92 -8.90 -22.25
N CYS A 26 -4.67 -8.56 -23.30
CA CYS A 26 -4.65 -9.38 -24.51
C CYS A 26 -3.85 -8.77 -25.66
N GLY A 27 -3.52 -7.49 -25.58
CA GLY A 27 -2.71 -6.86 -26.61
C GLY A 27 -3.46 -6.27 -27.80
N SER A 28 -4.77 -6.52 -27.90
CA SER A 28 -5.52 -5.91 -28.99
C SER A 28 -5.93 -4.47 -28.64
N LEU A 29 -6.08 -3.66 -29.68
CA LEU A 29 -6.52 -2.27 -29.53
C LEU A 29 -7.82 -2.15 -28.73
N LEU A 30 -7.88 -1.13 -27.87
CA LEU A 30 -9.14 -0.75 -27.25
C LEU A 30 -9.92 0.05 -28.29
N TRP A 31 -10.84 -0.62 -28.98
CA TRP A 31 -11.48 -0.07 -30.17
C TRP A 31 -12.34 1.15 -29.88
N GLY A 32 -12.34 2.08 -30.82
CA GLY A 32 -13.20 3.24 -30.75
C GLY A 32 -12.51 4.48 -30.20
N LEU A 33 -13.30 5.53 -29.99
CA LEU A 33 -12.77 6.83 -29.63
C LEU A 33 -13.19 7.26 -28.23
N VAL A 34 -14.15 6.55 -27.65
CA VAL A 34 -14.61 6.84 -26.28
C VAL A 34 -15.04 5.57 -25.56
N LYS A 35 -15.01 5.61 -24.23
CA LYS A 35 -15.36 4.46 -23.39
C LYS A 35 -14.83 3.14 -23.94
N GLN A 36 -13.58 3.14 -24.40
CA GLN A 36 -13.05 1.99 -25.12
C GLN A 36 -12.74 0.82 -24.22
N GLY A 37 -12.58 1.08 -22.93
CA GLY A 37 -12.24 0.02 -22.00
C GLY A 37 -12.27 0.56 -20.59
N LEU A 38 -11.66 -0.19 -19.67
CA LEU A 38 -11.59 0.22 -18.28
C LEU A 38 -10.15 0.41 -17.82
N LYS A 39 -9.96 1.40 -16.97
CA LYS A 39 -8.66 1.65 -16.36
C LYS A 39 -8.78 1.40 -14.87
N CYS A 40 -7.83 0.65 -14.32
CA CYS A 40 -7.81 0.46 -12.88
C CYS A 40 -7.43 1.75 -12.19
N GLU A 41 -8.29 2.20 -11.28
CA GLU A 41 -8.10 3.48 -10.61
C GLU A 41 -6.88 3.46 -9.68
N ASP A 42 -6.40 2.26 -9.34
CA ASP A 42 -5.24 2.14 -8.47
C ASP A 42 -3.91 1.97 -9.19
N CYS A 43 -3.85 1.06 -10.16
CA CYS A 43 -2.56 0.74 -10.80
C CYS A 43 -2.46 1.16 -12.25
N GLY A 44 -3.56 1.61 -12.84
CA GLY A 44 -3.56 2.08 -14.22
C GLY A 44 -3.70 1.03 -15.31
N MET A 45 -3.85 -0.24 -14.94
CA MET A 45 -4.05 -1.27 -15.95
C MET A 45 -5.25 -0.95 -16.84
N ASN A 46 -5.07 -1.14 -18.16
CA ASN A 46 -6.13 -0.89 -19.14
C ASN A 46 -6.65 -2.21 -19.71
N VAL A 47 -7.97 -2.43 -19.70
CA VAL A 47 -8.49 -3.68 -20.24
C VAL A 47 -9.77 -3.49 -21.05
N HIS A 48 -9.97 -4.37 -22.03
CA HIS A 48 -11.27 -4.45 -22.67
C HIS A 48 -12.31 -4.85 -21.62
N HIS A 49 -13.56 -4.50 -21.87
CA HIS A 49 -14.65 -5.02 -21.04
C HIS A 49 -14.55 -6.55 -20.90
N LYS A 50 -14.37 -7.25 -22.02
CA LYS A 50 -14.36 -8.71 -21.97
C LYS A 50 -13.14 -9.23 -21.21
N CYS A 51 -12.06 -8.45 -21.20
CA CYS A 51 -10.86 -8.91 -20.54
C CYS A 51 -10.87 -8.65 -19.03
N ARG A 52 -11.81 -7.84 -18.55
CA ARG A 52 -11.98 -7.62 -17.13
C ARG A 52 -12.20 -8.97 -16.43
N GLU A 53 -12.86 -9.88 -17.13
CA GLU A 53 -13.19 -11.21 -16.63
C GLU A 53 -11.98 -12.13 -16.59
N LYS A 54 -10.94 -11.77 -17.34
CA LYS A 54 -9.82 -12.68 -17.56
C LYS A 54 -8.60 -12.38 -16.70
N VAL A 55 -8.47 -11.15 -16.24
CA VAL A 55 -7.26 -10.76 -15.50
C VAL A 55 -7.32 -11.26 -14.05
N ALA A 56 -6.14 -11.53 -13.50
CA ALA A 56 -6.04 -11.84 -12.08
C ALA A 56 -6.48 -10.61 -11.32
N ASN A 57 -7.07 -10.82 -10.14
CA ASN A 57 -7.52 -9.70 -9.33
C ASN A 57 -6.38 -8.91 -8.72
N LEU A 58 -5.24 -9.56 -8.52
CA LEU A 58 -4.13 -8.95 -7.77
C LEU A 58 -3.74 -7.61 -8.37
N CYS A 59 -3.75 -6.59 -7.51
CA CYS A 59 -3.39 -5.24 -7.91
C CYS A 59 -2.34 -4.69 -6.97
N GLU A 60 -1.14 -4.48 -7.47
CA GLU A 60 -0.05 -3.94 -6.66
C GLU A 60 0.69 -2.86 -7.43
N PHE A 61 1.19 -1.87 -6.68
CA PHE A 61 2.09 -0.89 -7.24
C PHE A 61 3.03 -0.38 -6.14
N ILE A 62 4.25 0.00 -6.54
CA ILE A 62 5.24 0.54 -5.61
C ILE A 62 4.89 1.98 -5.24
N VAL A 63 4.90 2.30 -3.96
CA VAL A 63 4.57 3.65 -3.51
C VAL A 63 5.82 4.52 -3.47
N THR A 64 5.79 5.63 -4.22
CA THR A 64 6.93 6.55 -4.28
C THR A 64 6.59 7.89 -3.64
N ASP A 65 5.40 7.99 -3.06
CA ASP A 65 4.97 9.20 -2.35
C ASP A 65 5.18 9.05 -0.85
N GLY B 1 -12.64 -10.42 -3.50
CA GLY B 1 -12.49 -9.12 -2.86
C GLY B 1 -11.42 -9.13 -1.79
N SER B 2 -10.67 -8.05 -1.69
CA SER B 2 -9.61 -7.94 -0.70
CA SER B 2 -9.59 -7.93 -0.72
C SER B 2 -9.40 -6.50 -0.24
N ARG B 3 -8.88 -6.35 0.98
CA ARG B 3 -8.56 -5.02 1.52
C ARG B 3 -7.40 -4.44 0.73
N ARG B 4 -7.29 -3.10 0.73
CA ARG B 4 -6.08 -2.47 0.23
C ARG B 4 -5.20 -2.26 1.43
N ALA B 5 -3.98 -2.74 1.31
CA ALA B 5 -3.02 -2.66 2.38
C ALA B 5 -1.76 -1.99 1.84
N SER B 6 -1.07 -1.27 2.72
CA SER B 6 0.28 -0.81 2.46
C SER B 6 1.22 -1.83 3.09
N VAL B 7 2.15 -2.36 2.29
CA VAL B 7 2.99 -3.48 2.72
C VAL B 7 4.46 -3.15 2.46
N GLY B 8 5.27 -3.18 3.51
CA GLY B 8 6.68 -2.86 3.37
C GLY B 8 7.44 -3.32 4.58
N SER B 9 8.48 -2.58 4.93
CA SER B 9 9.23 -2.82 6.16
C SER B 9 9.11 -1.60 7.04
N HIS B 10 9.25 -1.78 8.35
CA HIS B 10 9.10 -0.65 9.26
C HIS B 10 10.11 0.45 8.92
N ARG B 11 9.74 1.69 9.25
CA ARG B 11 10.63 2.83 9.13
C ARG B 11 10.63 3.56 10.49
N PHE B 12 11.45 3.06 11.41
CA PHE B 12 11.48 3.57 12.77
C PHE B 12 12.25 4.88 12.87
N LYS B 13 11.69 5.82 13.62
CA LYS B 13 12.35 7.07 13.93
C LYS B 13 12.24 7.34 15.43
N VAL B 14 13.32 7.85 16.01
CA VAL B 14 13.29 8.19 17.43
C VAL B 14 12.12 9.15 17.67
N TYR B 15 11.37 8.90 18.72
CA TYR B 15 10.14 9.65 18.96
C TYR B 15 10.13 10.17 20.38
N ASN B 16 9.56 11.36 20.57
CA ASN B 16 9.47 11.98 21.88
C ASN B 16 8.03 11.90 22.34
N TYR B 17 7.76 10.93 23.22
CA TYR B 17 6.40 10.68 23.65
C TYR B 17 5.94 11.69 24.69
N MET B 18 4.71 12.17 24.53
CA MET B 18 4.12 13.20 25.39
C MET B 18 3.29 12.61 26.51
N SER B 19 2.95 11.33 26.37
CA SER B 19 2.15 10.62 27.35
CA SER B 19 2.16 10.63 27.36
C SER B 19 2.81 9.28 27.62
N PRO B 20 2.56 8.71 28.81
CA PRO B 20 3.14 7.39 29.11
C PRO B 20 2.71 6.38 28.04
N THR B 21 3.69 5.71 27.45
CA THR B 21 3.45 4.86 26.30
C THR B 21 4.24 3.58 26.52
N PHE B 22 3.66 2.46 26.12
CA PHE B 22 4.31 1.17 26.30
C PHE B 22 4.92 0.65 25.00
N CYS B 23 5.90 -0.23 25.16
CA CYS B 23 6.53 -0.87 24.01
C CYS B 23 5.54 -1.88 23.39
N ASP B 24 5.29 -1.74 22.09
CA ASP B 24 4.39 -2.63 21.39
C ASP B 24 4.98 -4.02 21.20
N HIS B 25 6.28 -4.15 21.42
CA HIS B 25 6.92 -5.46 21.39
C HIS B 25 6.89 -6.16 22.75
N CYS B 26 7.45 -5.54 23.78
CA CYS B 26 7.67 -6.25 25.04
C CYS B 26 6.70 -5.89 26.15
N GLY B 27 5.97 -4.79 26.00
CA GLY B 27 4.99 -4.40 27.00
C GLY B 27 5.49 -3.51 28.14
N SER B 28 6.80 -3.29 28.26
CA SER B 28 7.27 -2.41 29.32
C SER B 28 7.14 -0.95 28.91
N LEU B 29 7.00 -0.09 29.89
CA LEU B 29 6.92 1.34 29.69
C LEU B 29 8.11 1.86 28.89
N LEU B 30 7.85 2.78 27.98
CA LEU B 30 8.93 3.50 27.30
C LEU B 30 9.42 4.59 28.28
N TRP B 31 10.47 4.26 29.04
CA TRP B 31 10.93 5.13 30.12
C TRP B 31 11.53 6.44 29.64
N GLY B 32 11.48 7.46 30.49
CA GLY B 32 12.05 8.76 30.17
C GLY B 32 10.99 9.79 29.83
N LEU B 33 11.42 11.04 29.68
CA LEU B 33 10.50 12.09 29.24
C LEU B 33 10.79 12.54 27.81
N VAL B 34 11.91 12.09 27.24
CA VAL B 34 12.24 12.37 25.84
C VAL B 34 12.91 11.18 25.17
N LYS B 35 12.83 11.13 23.84
CA LYS B 35 13.48 10.08 23.05
C LYS B 35 13.30 8.70 23.67
N GLN B 36 12.09 8.39 24.14
CA GLN B 36 11.87 7.17 24.93
C GLN B 36 11.89 5.92 24.10
N GLY B 37 11.73 6.07 22.79
CA GLY B 37 11.71 4.91 21.94
C GLY B 37 11.63 5.32 20.49
N LEU B 38 11.23 4.39 19.62
CA LEU B 38 11.10 4.67 18.21
C LEU B 38 9.68 4.39 17.77
N LYS B 39 9.18 5.23 16.88
CA LYS B 39 7.84 5.03 16.33
C LYS B 39 7.98 4.80 14.83
N CYS B 40 7.32 3.77 14.32
CA CYS B 40 7.33 3.57 12.88
C CYS B 40 6.52 4.66 12.19
N GLU B 41 7.15 5.35 11.24
CA GLU B 41 6.52 6.46 10.53
C GLU B 41 5.37 5.99 9.65
N ASP B 42 5.33 4.70 9.36
CA ASP B 42 4.30 4.13 8.50
C ASP B 42 3.12 3.52 9.23
N CYS B 43 3.37 2.67 10.23
CA CYS B 43 2.29 1.96 10.91
C CYS B 43 2.06 2.38 12.35
N GLY B 44 2.94 3.21 12.91
CA GLY B 44 2.76 3.71 14.26
C GLY B 44 3.27 2.84 15.38
N MET B 45 3.84 1.67 15.06
CA MET B 45 4.38 0.80 16.10
C MET B 45 5.40 1.54 16.96
N ASN B 46 5.34 1.35 18.28
CA ASN B 46 6.25 1.97 19.23
C ASN B 46 7.14 0.92 19.86
N VAL B 47 8.46 1.13 19.86
CA VAL B 47 9.34 0.14 20.47
C VAL B 47 10.47 0.79 21.25
N HIS B 48 10.96 0.09 22.28
CA HIS B 48 12.20 0.51 22.90
C HIS B 48 13.33 0.45 21.89
N HIS B 49 14.35 1.25 22.13
CA HIS B 49 15.56 1.15 21.32
C HIS B 49 16.05 -0.29 21.28
N LYS B 50 16.11 -0.95 22.44
CA LYS B 50 16.62 -2.33 22.50
C LYS B 50 15.69 -3.35 21.85
N CYS B 51 14.44 -2.98 21.64
CA CYS B 51 13.47 -3.91 21.05
C CYS B 51 13.41 -3.78 19.53
N ARG B 52 14.01 -2.72 18.98
CA ARG B 52 14.01 -2.50 17.54
C ARG B 52 14.54 -3.75 16.84
N GLU B 53 15.60 -4.35 17.38
CA GLU B 53 16.20 -5.52 16.76
C GLU B 53 15.49 -6.84 17.06
N LYS B 54 14.43 -6.78 17.85
CA LYS B 54 13.69 -7.99 18.18
C LYS B 54 12.39 -8.14 17.38
N VAL B 55 11.96 -7.08 16.73
CA VAL B 55 10.69 -7.14 16.01
C VAL B 55 10.92 -7.54 14.56
N ALA B 56 9.92 -8.19 13.97
CA ALA B 56 9.96 -8.54 12.56
C ALA B 56 9.94 -7.26 11.75
N ASN B 57 10.57 -7.27 10.59
CA ASN B 57 10.60 -6.07 9.77
C ASN B 57 9.28 -5.78 9.08
N LEU B 58 8.46 -6.81 8.89
CA LEU B 58 7.20 -6.68 8.16
C LEU B 58 6.33 -5.55 8.73
N CYS B 59 5.92 -4.65 7.83
CA CYS B 59 5.11 -3.51 8.22
C CYS B 59 3.93 -3.39 7.27
N GLU B 60 2.74 -3.67 7.79
CA GLU B 60 1.53 -3.58 6.98
C GLU B 60 0.46 -2.81 7.72
N PHE B 61 -0.36 -2.10 6.96
CA PHE B 61 -1.56 -1.51 7.51
C PHE B 61 -2.63 -1.35 6.43
N ILE B 62 -3.88 -1.37 6.86
CA ILE B 62 -4.99 -1.22 5.94
C ILE B 62 -5.15 0.25 5.58
N VAL B 63 -5.26 0.55 4.29
CA VAL B 63 -5.39 1.93 3.87
C VAL B 63 -6.86 2.27 3.65
N THR B 64 -7.34 3.26 4.41
CA THR B 64 -8.75 3.66 4.37
C THR B 64 -8.93 4.97 3.60
N ASP B 65 -7.82 5.60 3.26
CA ASP B 65 -7.82 6.89 2.53
C ASP B 65 -7.82 6.69 1.02
ZN ZN C . -5.05 -2.43 -10.50
ZN ZN D . -8.23 -7.36 -24.06
C1 09U E . -4.78 8.32 -20.80
C2 09U E . -4.86 9.07 -22.10
C3 09U E . -5.41 8.20 -23.17
C4 09U E . -6.28 9.20 -22.51
C5 09U E . -3.50 8.13 -18.77
O1 09U E . -4.09 8.91 -19.75
P PO4 F . -9.41 -0.31 -3.61
O1 PO4 F . -8.41 -1.36 -4.03
O2 PO4 F . -8.95 0.40 -2.36
O3 PO4 F . -9.44 0.72 -4.71
O4 PO4 F . -10.78 -0.91 -3.38
P PO4 G . -1.20 4.49 -19.83
O1 PO4 G . -1.82 4.55 -21.21
O2 PO4 G . 0.26 4.13 -20.02
O3 PO4 G . -1.33 5.84 -19.18
O4 PO4 G . -1.87 3.43 -19.00
ZN ZN H . 5.71 -0.14 10.63
ZN ZN I . 10.36 -3.16 24.49
C1 09U J . 2.22 10.63 20.24
C2 09U J . 1.97 10.93 21.69
C3 09U J . 2.95 10.22 22.55
C4 09U J . 3.14 11.66 22.25
C5 09U J . 1.13 10.34 18.12
O1 09U J . 1.28 11.03 19.31
P PO4 K . 8.99 3.26 3.61
O1 PO4 K . 10.44 3.36 3.22
O2 PO4 K . 8.68 4.19 4.75
O3 PO4 K . 8.13 3.64 2.43
O4 PO4 K . 8.65 1.85 4.04
P PO4 L . -0.37 5.35 19.45
O1 PO4 L . 0.83 4.53 19.05
O2 PO4 L . -0.10 6.83 19.47
O3 PO4 L . -1.44 5.08 18.41
O4 PO4 L . -0.88 4.90 20.81
P PO4 M . 13.53 -7.10 5.24
O1 PO4 M . 14.87 -7.40 4.60
O2 PO4 M . 13.37 -5.62 5.54
O3 PO4 M . 12.43 -7.51 4.28
O4 PO4 M . 13.38 -7.91 6.51
P PO4 N . 14.67 0.40 10.90
O1 PO4 N . 14.97 -0.69 9.88
O2 PO4 N . 15.75 1.45 10.75
O3 PO4 N . 13.32 1.02 10.63
O4 PO4 N . 14.73 -0.16 12.30
#